data_2M5L
#
_entry.id   2M5L
#
_entity_poly.entity_id   1
_entity_poly.type   'polypeptide(L)'
_entity_poly.pdbx_seq_one_letter_code
;KFPRAMPIWARPDYNPPLLE
;
_entity_poly.pdbx_strand_id   A
#
# COMPACT_ATOMS: atom_id res chain seq x y z
N LYS A 1 -2.41 7.21 -15.31
CA LYS A 1 -3.67 7.08 -14.50
C LYS A 1 -3.35 6.47 -13.13
N PHE A 2 -4.18 6.75 -12.14
CA PHE A 2 -3.94 6.19 -10.78
C PHE A 2 -5.21 5.49 -10.27
N PRO A 3 -5.22 4.18 -10.40
CA PRO A 3 -6.38 3.38 -9.94
C PRO A 3 -6.38 3.25 -8.41
N ARG A 4 -7.55 3.18 -7.82
CA ARG A 4 -7.63 3.06 -6.33
C ARG A 4 -7.78 1.58 -5.92
N ALA A 5 -7.03 0.70 -6.55
CA ALA A 5 -7.12 -0.75 -6.19
C ALA A 5 -6.05 -1.11 -5.18
N MET A 6 -6.25 -0.75 -3.92
CA MET A 6 -5.24 -1.06 -2.85
C MET A 6 -3.86 -0.47 -3.22
N PRO A 7 -3.77 0.83 -3.15
CA PRO A 7 -2.51 1.54 -3.47
C PRO A 7 -1.46 1.34 -2.36
N ILE A 8 -0.36 2.03 -2.45
CA ILE A 8 0.70 1.88 -1.40
C ILE A 8 0.33 2.69 -0.15
N TRP A 9 -0.05 3.93 -0.33
CA TRP A 9 -0.43 4.80 0.83
C TRP A 9 -1.68 4.27 1.54
N ALA A 10 -2.56 3.63 0.82
CA ALA A 10 -3.80 3.07 1.46
C ALA A 10 -3.70 1.54 1.52
N ARG A 11 -2.84 1.02 2.36
CA ARG A 11 -2.68 -0.45 2.47
C ARG A 11 -2.75 -0.90 3.93
N PRO A 12 -3.66 -1.79 4.21
CA PRO A 12 -3.82 -2.33 5.60
C PRO A 12 -2.70 -3.33 5.92
N ASP A 13 -2.34 -4.15 4.97
CA ASP A 13 -1.26 -5.17 5.19
C ASP A 13 0.02 -4.77 4.44
N TYR A 14 0.37 -3.50 4.47
CA TYR A 14 1.60 -3.04 3.75
C TYR A 14 2.83 -3.86 4.21
N ASN A 15 3.52 -4.45 3.27
CA ASN A 15 4.73 -5.26 3.61
C ASN A 15 5.84 -4.36 4.18
N PRO A 16 6.74 -4.97 4.93
CA PRO A 16 7.87 -4.22 5.53
C PRO A 16 8.90 -3.85 4.45
N PRO A 17 9.08 -2.56 4.25
CA PRO A 17 10.04 -2.07 3.23
C PRO A 17 11.49 -2.22 3.73
N LEU A 18 12.43 -1.65 3.01
CA LEU A 18 13.87 -1.75 3.43
C LEU A 18 14.17 -0.75 4.55
N LEU A 19 15.33 -0.86 5.15
CA LEU A 19 15.71 0.09 6.25
C LEU A 19 16.06 1.46 5.66
N GLU A 20 15.16 2.40 5.77
CA GLU A 20 15.43 3.76 5.23
C GLU A 20 16.16 4.62 6.27
N LYS A 1 -0.23 -9.89 -15.82
CA LYS A 1 1.02 -9.07 -15.82
C LYS A 1 0.99 -8.06 -14.65
N PHE A 2 -0.01 -7.20 -14.61
CA PHE A 2 -0.09 -6.20 -13.51
C PHE A 2 -1.40 -6.41 -12.72
N PRO A 3 -1.25 -6.89 -11.50
CA PRO A 3 -2.43 -7.14 -10.63
C PRO A 3 -3.02 -5.81 -10.13
N ARG A 4 -4.33 -5.73 -10.02
CA ARG A 4 -4.97 -4.47 -9.53
C ARG A 4 -5.41 -4.63 -8.07
N ALA A 5 -4.79 -3.91 -7.18
CA ALA A 5 -5.16 -4.01 -5.73
C ALA A 5 -5.09 -2.62 -5.07
N MET A 6 -5.17 -2.57 -3.76
CA MET A 6 -5.10 -1.25 -3.05
C MET A 6 -3.76 -0.56 -3.34
N PRO A 7 -3.75 0.75 -3.19
CA PRO A 7 -2.50 1.53 -3.45
C PRO A 7 -1.47 1.29 -2.34
N ILE A 8 -0.38 2.03 -2.37
CA ILE A 8 0.68 1.86 -1.34
C ILE A 8 0.40 2.75 -0.13
N TRP A 9 -0.10 3.93 -0.37
CA TRP A 9 -0.41 4.87 0.75
C TRP A 9 -1.67 4.42 1.50
N ALA A 10 -2.50 3.61 0.88
CA ALA A 10 -3.74 3.12 1.57
C ALA A 10 -3.76 1.59 1.58
N ARG A 11 -2.87 0.99 2.32
CA ARG A 11 -2.83 -0.51 2.39
C ARG A 11 -2.66 -0.97 3.84
N PRO A 12 -3.36 -2.02 4.19
CA PRO A 12 -3.26 -2.60 5.56
C PRO A 12 -1.87 -3.24 5.74
N ASP A 13 -1.37 -3.83 4.69
CA ASP A 13 -0.01 -4.47 4.76
C ASP A 13 0.99 -3.60 3.98
N TYR A 14 0.93 -2.30 4.19
CA TYR A 14 1.85 -1.36 3.48
C TYR A 14 3.32 -1.79 3.64
N ASN A 15 4.10 -1.60 2.61
CA ASN A 15 5.54 -1.99 2.67
C ASN A 15 6.31 -1.09 3.65
N PRO A 16 7.47 -1.55 4.07
CA PRO A 16 8.30 -0.77 5.02
C PRO A 16 8.91 0.45 4.31
N PRO A 17 8.71 1.61 4.90
CA PRO A 17 9.25 2.87 4.31
C PRO A 17 10.77 2.96 4.50
N LEU A 18 11.35 4.08 4.15
CA LEU A 18 12.83 4.27 4.29
C LEU A 18 13.58 3.18 3.51
N LEU A 19 13.47 3.20 2.19
CA LEU A 19 14.17 2.17 1.36
C LEU A 19 14.79 2.83 0.11
N GLU A 20 15.30 4.04 0.25
CA GLU A 20 15.92 4.73 -0.91
C GLU A 20 17.34 5.19 -0.56
N LYS A 1 -5.08 -8.35 -15.26
CA LYS A 1 -3.94 -7.39 -15.30
C LYS A 1 -4.48 -5.95 -15.36
N PHE A 2 -4.92 -5.43 -14.24
CA PHE A 2 -5.46 -4.03 -14.21
C PHE A 2 -5.42 -3.47 -12.78
N PRO A 3 -5.56 -2.18 -12.68
CA PRO A 3 -5.55 -1.50 -11.35
C PRO A 3 -6.83 -1.84 -10.56
N ARG A 4 -6.70 -2.17 -9.31
CA ARG A 4 -7.91 -2.51 -8.49
C ARG A 4 -7.78 -1.92 -7.07
N ALA A 5 -7.63 -0.62 -6.97
CA ALA A 5 -7.50 0.03 -5.63
C ALA A 5 -6.33 -0.56 -4.83
N MET A 6 -6.36 -0.47 -3.52
CA MET A 6 -5.24 -1.02 -2.69
C MET A 6 -3.89 -0.45 -3.13
N PRO A 7 -3.78 0.87 -3.04
CA PRO A 7 -2.52 1.55 -3.43
C PRO A 7 -1.45 1.37 -2.35
N ILE A 8 -0.35 2.06 -2.48
CA ILE A 8 0.75 1.94 -1.46
C ILE A 8 0.39 2.73 -0.20
N TRP A 9 -0.05 3.94 -0.37
CA TRP A 9 -0.42 4.79 0.81
C TRP A 9 -1.68 4.25 1.51
N ALA A 10 -2.56 3.60 0.79
CA ALA A 10 -3.79 3.03 1.43
C ALA A 10 -3.67 1.50 1.49
N ARG A 11 -2.87 1.00 2.40
CA ARG A 11 -2.70 -0.48 2.52
C ARG A 11 -2.87 -0.92 3.98
N PRO A 12 -3.57 -2.02 4.16
CA PRO A 12 -3.77 -2.57 5.53
C PRO A 12 -2.46 -3.17 6.05
N ASP A 13 -1.75 -3.85 5.20
CA ASP A 13 -0.43 -4.45 5.61
C ASP A 13 0.70 -3.65 4.96
N TYR A 14 0.57 -2.35 4.93
CA TYR A 14 1.61 -1.48 4.30
C TYR A 14 2.97 -1.66 4.99
N ASN A 15 3.99 -1.89 4.23
CA ASN A 15 5.36 -2.04 4.82
C ASN A 15 5.91 -0.67 5.22
N PRO A 16 6.83 -0.67 6.16
CA PRO A 16 7.43 0.61 6.63
C PRO A 16 8.35 1.19 5.56
N PRO A 17 7.98 2.35 5.04
CA PRO A 17 8.79 3.01 3.99
C PRO A 17 10.05 3.65 4.59
N LEU A 18 10.76 4.42 3.82
CA LEU A 18 12.01 5.08 4.33
C LEU A 18 12.25 6.41 3.60
N LEU A 19 11.22 7.20 3.43
CA LEU A 19 11.38 8.51 2.73
C LEU A 19 10.29 9.49 3.17
N GLU A 20 10.66 10.73 3.40
CA GLU A 20 9.65 11.75 3.84
C GLU A 20 9.27 12.66 2.66
N LYS A 1 7.32 -6.53 -6.80
CA LYS A 1 6.75 -7.51 -7.79
C LYS A 1 5.37 -7.99 -7.33
N PHE A 2 4.48 -8.25 -8.27
CA PHE A 2 3.10 -8.73 -7.91
C PHE A 2 2.40 -7.73 -6.96
N PRO A 3 1.82 -6.72 -7.56
CA PRO A 3 1.10 -5.69 -6.76
C PRO A 3 -0.22 -6.24 -6.21
N ARG A 4 -0.69 -5.70 -5.10
CA ARG A 4 -1.96 -6.20 -4.51
C ARG A 4 -3.14 -5.32 -4.98
N ALA A 5 -4.32 -5.54 -4.44
CA ALA A 5 -5.51 -4.72 -4.85
C ALA A 5 -5.63 -3.47 -3.97
N MET A 6 -4.53 -2.86 -3.62
CA MET A 6 -4.57 -1.62 -2.77
C MET A 6 -3.41 -0.69 -3.16
N PRO A 7 -3.61 0.59 -2.95
CA PRO A 7 -2.55 1.59 -3.29
C PRO A 7 -1.35 1.46 -2.34
N ILE A 8 -0.31 2.19 -2.63
CA ILE A 8 0.93 2.13 -1.76
C ILE A 8 0.78 3.00 -0.50
N TRP A 9 -0.20 3.86 -0.48
CA TRP A 9 -0.40 4.74 0.71
C TRP A 9 -1.66 4.33 1.49
N ALA A 10 -2.49 3.48 0.93
CA ALA A 10 -3.72 3.05 1.64
C ALA A 10 -3.80 1.52 1.67
N ARG A 11 -2.99 0.89 2.49
CA ARG A 11 -3.01 -0.59 2.59
C ARG A 11 -3.19 -1.02 4.04
N PRO A 12 -3.57 -2.26 4.24
CA PRO A 12 -3.75 -2.81 5.62
C PRO A 12 -2.38 -2.90 6.30
N ASP A 13 -1.37 -3.27 5.55
CA ASP A 13 0.01 -3.36 6.10
C ASP A 13 0.85 -2.22 5.51
N TYR A 14 0.28 -1.04 5.43
CA TYR A 14 0.99 0.15 4.85
C TYR A 14 2.47 0.17 5.26
N ASN A 15 3.35 0.13 4.30
CA ASN A 15 4.82 0.14 4.61
C ASN A 15 5.22 1.45 5.29
N PRO A 16 6.29 1.41 6.05
CA PRO A 16 6.78 2.61 6.77
C PRO A 16 7.45 3.58 5.78
N PRO A 17 6.86 4.74 5.64
CA PRO A 17 7.41 5.77 4.72
C PRO A 17 8.66 6.44 5.32
N LEU A 18 9.23 7.37 4.60
CA LEU A 18 10.44 8.08 5.10
C LEU A 18 10.28 9.60 4.98
N LEU A 19 10.73 10.34 5.97
CA LEU A 19 10.61 11.84 5.93
C LEU A 19 9.12 12.26 5.89
N GLU A 20 8.50 12.38 7.03
CA GLU A 20 7.07 12.78 7.07
C GLU A 20 6.93 14.25 7.50
N LYS A 1 1.20 -10.68 -10.61
CA LYS A 1 1.53 -9.43 -11.37
C LYS A 1 0.65 -8.27 -10.89
N PHE A 2 -0.65 -8.43 -10.94
CA PHE A 2 -1.57 -7.33 -10.49
C PHE A 2 -2.23 -7.74 -9.17
N PRO A 3 -1.76 -7.17 -8.09
CA PRO A 3 -2.33 -7.47 -6.75
C PRO A 3 -3.62 -6.67 -6.51
N ARG A 4 -4.63 -6.91 -7.31
CA ARG A 4 -5.94 -6.19 -7.15
C ARG A 4 -5.74 -4.66 -7.21
N ALA A 5 -6.74 -3.91 -6.81
CA ALA A 5 -6.61 -2.42 -6.85
C ALA A 5 -6.21 -1.90 -5.46
N MET A 6 -4.99 -2.12 -5.05
CA MET A 6 -4.53 -1.65 -3.71
C MET A 6 -3.36 -0.67 -3.88
N PRO A 7 -3.56 0.54 -3.40
CA PRO A 7 -2.50 1.58 -3.51
C PRO A 7 -1.36 1.33 -2.52
N ILE A 8 -0.35 2.17 -2.55
CA ILE A 8 0.81 1.99 -1.62
C ILE A 8 0.70 2.96 -0.43
N TRP A 9 -0.26 3.85 -0.46
CA TRP A 9 -0.43 4.83 0.66
C TRP A 9 -1.65 4.45 1.53
N ALA A 10 -2.48 3.56 1.05
CA ALA A 10 -3.68 3.13 1.84
C ALA A 10 -3.78 1.59 1.82
N ARG A 11 -2.94 0.92 2.59
CA ARG A 11 -2.97 -0.57 2.60
C ARG A 11 -3.12 -1.11 4.03
N PRO A 12 -4.17 -1.85 4.26
CA PRO A 12 -4.41 -2.46 5.60
C PRO A 12 -3.51 -3.69 5.79
N ASP A 13 -3.37 -4.48 4.76
CA ASP A 13 -2.52 -5.71 4.84
C ASP A 13 -1.22 -5.49 4.07
N TYR A 14 -0.60 -4.33 4.26
CA TYR A 14 0.68 -3.97 3.54
C TYR A 14 1.54 -5.20 3.25
N ASN A 15 1.93 -5.36 2.01
CA ASN A 15 2.80 -6.52 1.62
C ASN A 15 4.21 -6.35 2.21
N PRO A 16 4.95 -7.43 2.25
CA PRO A 16 6.33 -7.37 2.78
C PRO A 16 7.25 -6.61 1.82
N PRO A 17 7.94 -5.62 2.36
CA PRO A 17 8.86 -4.79 1.54
C PRO A 17 10.12 -5.59 1.16
N LEU A 18 11.10 -4.92 0.61
CA LEU A 18 12.36 -5.63 0.21
C LEU A 18 13.40 -5.55 1.34
N LEU A 19 14.54 -6.17 1.15
CA LEU A 19 15.61 -6.16 2.20
C LEU A 19 15.08 -6.71 3.53
N GLU A 20 14.63 -7.94 3.54
CA GLU A 20 14.09 -8.55 4.79
C GLU A 20 14.92 -9.79 5.17
N LYS A 1 1.71 2.53 -11.80
CA LYS A 1 2.41 1.39 -11.14
C LYS A 1 1.51 0.15 -11.10
N PHE A 2 0.39 0.23 -10.42
CA PHE A 2 -0.54 -0.94 -10.35
C PHE A 2 -1.98 -0.47 -10.07
N PRO A 3 -2.68 -0.15 -11.12
CA PRO A 3 -4.09 0.33 -10.98
C PRO A 3 -5.05 -0.82 -10.67
N ARG A 4 -4.94 -1.40 -9.49
CA ARG A 4 -5.85 -2.53 -9.12
C ARG A 4 -6.28 -2.41 -7.65
N ALA A 5 -6.67 -1.22 -7.23
CA ALA A 5 -7.12 -0.99 -5.81
C ALA A 5 -5.97 -1.25 -4.82
N MET A 6 -6.19 -0.95 -3.56
CA MET A 6 -5.14 -1.16 -2.52
C MET A 6 -3.80 -0.51 -2.96
N PRO A 7 -3.77 0.80 -2.94
CA PRO A 7 -2.55 1.53 -3.35
C PRO A 7 -1.44 1.39 -2.28
N ILE A 8 -0.33 2.06 -2.47
CA ILE A 8 0.79 1.96 -1.48
C ILE A 8 0.47 2.79 -0.23
N TRP A 9 -0.09 3.96 -0.41
CA TRP A 9 -0.43 4.82 0.76
C TRP A 9 -1.67 4.30 1.49
N ALA A 10 -2.53 3.59 0.80
CA ALA A 10 -3.76 3.05 1.47
C ALA A 10 -3.69 1.52 1.50
N ARG A 11 -2.88 0.97 2.37
CA ARG A 11 -2.75 -0.52 2.46
C ARG A 11 -2.95 -0.98 3.92
N PRO A 12 -3.93 -1.83 4.11
CA PRO A 12 -4.21 -2.37 5.47
C PRO A 12 -3.06 -3.27 5.93
N ASP A 13 -2.55 -4.08 5.03
CA ASP A 13 -1.40 -4.96 5.37
C ASP A 13 -0.16 -4.46 4.63
N TYR A 14 0.03 -3.17 4.61
CA TYR A 14 1.21 -2.56 3.90
C TYR A 14 2.51 -3.32 4.22
N ASN A 15 3.09 -3.92 3.21
CA ASN A 15 4.37 -4.66 3.42
C ASN A 15 5.54 -3.68 3.52
N PRO A 16 6.66 -4.16 4.00
CA PRO A 16 7.87 -3.31 4.14
C PRO A 16 8.44 -2.98 2.75
N PRO A 17 8.46 -1.71 2.43
CA PRO A 17 8.98 -1.25 1.11
C PRO A 17 10.51 -1.36 1.06
N LEU A 18 11.11 -0.95 -0.03
CA LEU A 18 12.59 -1.02 -0.15
C LEU A 18 13.26 0.18 0.56
N LEU A 19 13.29 0.15 1.88
CA LEU A 19 13.91 1.27 2.64
C LEU A 19 14.79 0.70 3.77
N GLU A 20 15.80 -0.06 3.41
CA GLU A 20 16.72 -0.67 4.44
C GLU A 20 15.90 -1.44 5.50
N LYS A 1 -16.90 3.60 -8.12
CA LYS A 1 -15.71 3.21 -8.94
C LYS A 1 -14.46 3.94 -8.43
N PHE A 2 -13.31 3.32 -8.53
CA PHE A 2 -12.05 3.97 -8.06
C PHE A 2 -10.86 3.53 -8.93
N PRO A 3 -9.98 4.47 -9.22
CA PRO A 3 -8.80 4.16 -10.06
C PRO A 3 -7.79 3.31 -9.26
N ARG A 4 -7.38 2.19 -9.84
CA ARG A 4 -6.41 1.28 -9.15
C ARG A 4 -7.02 0.66 -7.88
N ALA A 5 -6.51 -0.47 -7.46
CA ALA A 5 -7.05 -1.12 -6.23
C ALA A 5 -5.94 -1.34 -5.20
N MET A 6 -6.17 -0.93 -3.97
CA MET A 6 -5.14 -1.10 -2.89
C MET A 6 -3.80 -0.45 -3.29
N PRO A 7 -3.75 0.85 -3.17
CA PRO A 7 -2.51 1.60 -3.51
C PRO A 7 -1.43 1.39 -2.44
N ILE A 8 -0.35 2.13 -2.52
CA ILE A 8 0.74 1.98 -1.50
C ILE A 8 0.39 2.76 -0.23
N TRP A 9 -0.05 3.98 -0.40
CA TRP A 9 -0.41 4.83 0.78
C TRP A 9 -1.69 4.31 1.48
N ALA A 10 -2.48 3.50 0.82
CA ALA A 10 -3.71 2.98 1.46
C ALA A 10 -3.65 1.44 1.56
N ARG A 11 -2.89 0.94 2.50
CA ARG A 11 -2.77 -0.54 2.67
C ARG A 11 -3.02 -0.93 4.13
N PRO A 12 -3.82 -1.95 4.33
CA PRO A 12 -4.12 -2.43 5.69
C PRO A 12 -2.90 -3.10 6.33
N ASP A 13 -2.22 -3.92 5.58
CA ASP A 13 -1.00 -4.62 6.11
C ASP A 13 0.24 -4.06 5.41
N TYR A 14 0.27 -2.76 5.19
CA TYR A 14 1.43 -2.12 4.50
C TYR A 14 2.76 -2.45 5.20
N ASN A 15 3.82 -2.54 4.43
CA ASN A 15 5.15 -2.84 5.02
C ASN A 15 5.76 -1.57 5.61
N PRO A 16 6.78 -1.75 6.42
CA PRO A 16 7.45 -0.58 7.06
C PRO A 16 8.23 0.24 6.00
N PRO A 17 7.76 1.45 5.77
CA PRO A 17 8.42 2.33 4.76
C PRO A 17 9.75 2.86 5.29
N LEU A 18 10.39 3.72 4.55
CA LEU A 18 11.69 4.30 5.00
C LEU A 18 11.60 5.84 5.00
N LEU A 19 10.53 6.38 5.52
CA LEU A 19 10.37 7.87 5.56
C LEU A 19 10.30 8.34 7.02
N GLU A 20 11.20 9.21 7.41
CA GLU A 20 11.19 9.73 8.81
C GLU A 20 11.26 11.26 8.83
N LYS A 1 -10.63 -11.81 -17.11
CA LYS A 1 -9.46 -11.63 -16.20
C LYS A 1 -9.69 -10.46 -15.23
N PHE A 2 -9.19 -10.56 -14.02
CA PHE A 2 -9.39 -9.47 -13.03
C PHE A 2 -8.07 -8.72 -12.80
N PRO A 3 -8.04 -7.47 -13.19
CA PRO A 3 -6.82 -6.64 -13.00
C PRO A 3 -6.62 -6.27 -11.53
N ARG A 4 -5.39 -6.05 -11.12
CA ARG A 4 -5.13 -5.69 -9.69
C ARG A 4 -5.38 -4.20 -9.47
N ALA A 5 -5.88 -3.84 -8.31
CA ALA A 5 -6.15 -2.40 -8.02
C ALA A 5 -5.90 -2.11 -6.53
N MET A 6 -4.68 -1.80 -6.18
CA MET A 6 -4.37 -1.51 -4.74
C MET A 6 -3.25 -0.45 -4.65
N PRO A 7 -3.53 0.61 -3.92
CA PRO A 7 -2.53 1.70 -3.76
C PRO A 7 -1.45 1.31 -2.74
N ILE A 8 -0.52 2.20 -2.50
CA ILE A 8 0.58 1.91 -1.51
C ILE A 8 0.28 2.61 -0.19
N TRP A 9 -0.07 3.87 -0.25
CA TRP A 9 -0.36 4.65 1.01
C TRP A 9 -1.63 4.10 1.69
N ALA A 10 -2.57 3.62 0.93
CA ALA A 10 -3.83 3.08 1.56
C ALA A 10 -3.71 1.55 1.68
N ARG A 11 -2.87 1.10 2.57
CA ARG A 11 -2.68 -0.37 2.77
C ARG A 11 -2.69 -0.70 4.27
N PRO A 12 -2.73 -1.98 4.57
CA PRO A 12 -2.70 -2.43 5.98
C PRO A 12 -1.28 -2.26 6.55
N ASP A 13 -0.29 -2.50 5.75
CA ASP A 13 1.13 -2.35 6.22
C ASP A 13 1.87 -1.32 5.35
N TYR A 14 1.23 -0.22 5.01
CA TYR A 14 1.87 0.83 4.17
C TYR A 14 3.28 1.15 4.71
N ASN A 15 4.25 1.16 3.82
CA ASN A 15 5.66 1.47 4.26
C ASN A 15 5.74 2.84 4.96
N PRO A 16 6.62 2.93 5.93
CA PRO A 16 6.79 4.20 6.69
C PRO A 16 7.55 5.23 5.84
N PRO A 17 6.86 6.29 5.49
CA PRO A 17 7.49 7.36 4.67
C PRO A 17 8.40 8.26 5.53
N LEU A 18 8.87 9.35 4.97
CA LEU A 18 9.76 10.27 5.76
C LEU A 18 8.92 11.21 6.63
N LEU A 19 9.55 12.14 7.31
CA LEU A 19 8.79 13.09 8.18
C LEU A 19 7.90 13.99 7.31
N GLU A 20 6.61 13.78 7.36
CA GLU A 20 5.68 14.61 6.54
C GLU A 20 4.47 15.06 7.38
N LYS A 1 -15.14 -6.16 -10.40
CA LYS A 1 -15.65 -4.77 -10.58
C LYS A 1 -14.54 -3.86 -11.10
N PHE A 2 -13.46 -3.72 -10.37
CA PHE A 2 -12.34 -2.85 -10.82
C PHE A 2 -11.00 -3.48 -10.42
N PRO A 3 -10.32 -4.04 -11.40
CA PRO A 3 -9.01 -4.70 -11.14
C PRO A 3 -7.91 -3.64 -10.96
N ARG A 4 -6.80 -4.03 -10.37
CA ARG A 4 -5.66 -3.07 -10.15
C ARG A 4 -6.14 -1.83 -9.37
N ALA A 5 -6.58 -2.02 -8.16
CA ALA A 5 -7.05 -0.86 -7.34
C ALA A 5 -6.45 -0.90 -5.93
N MET A 6 -5.21 -1.35 -5.81
CA MET A 6 -4.55 -1.43 -4.47
C MET A 6 -3.34 -0.49 -4.42
N PRO A 7 -3.56 0.72 -3.93
CA PRO A 7 -2.47 1.72 -3.83
C PRO A 7 -1.46 1.32 -2.75
N ILE A 8 -0.48 2.16 -2.49
CA ILE A 8 0.54 1.85 -1.44
C ILE A 8 0.24 2.63 -0.17
N TRP A 9 -0.10 3.89 -0.31
CA TRP A 9 -0.40 4.74 0.89
C TRP A 9 -1.64 4.21 1.63
N ALA A 10 -2.56 3.59 0.94
CA ALA A 10 -3.77 3.05 1.62
C ALA A 10 -3.64 1.52 1.73
N ARG A 11 -2.82 1.06 2.64
CA ARG A 11 -2.64 -0.41 2.82
C ARG A 11 -2.84 -0.81 4.29
N PRO A 12 -3.66 -1.82 4.50
CA PRO A 12 -3.92 -2.31 5.88
C PRO A 12 -2.66 -2.96 6.45
N ASP A 13 -1.95 -3.69 5.62
CA ASP A 13 -0.69 -4.35 6.08
C ASP A 13 0.50 -3.65 5.40
N TYR A 14 0.45 -2.34 5.30
CA TYR A 14 1.55 -1.56 4.64
C TYR A 14 2.93 -2.14 4.98
N ASN A 15 3.65 -2.56 3.98
CA ASN A 15 5.01 -3.14 4.22
C ASN A 15 6.00 -2.04 4.59
N PRO A 16 7.08 -2.43 5.24
CA PRO A 16 8.12 -1.45 5.66
C PRO A 16 8.88 -0.93 4.43
N PRO A 17 8.79 0.36 4.22
CA PRO A 17 9.48 0.99 3.06
C PRO A 17 10.98 1.08 3.30
N LEU A 18 11.70 1.74 2.41
CA LEU A 18 13.18 1.87 2.58
C LEU A 18 13.58 3.35 2.53
N LEU A 19 13.78 3.97 3.67
CA LEU A 19 14.17 5.41 3.72
C LEU A 19 13.18 6.28 2.93
N GLU A 20 11.90 6.08 3.15
CA GLU A 20 10.87 6.89 2.42
C GLU A 20 9.87 7.51 3.41
N LYS A 1 -10.89 9.58 -7.51
CA LYS A 1 -10.25 8.67 -8.52
C LYS A 1 -9.76 7.39 -7.83
N PHE A 2 -10.11 6.24 -8.37
CA PHE A 2 -9.68 4.96 -7.75
C PHE A 2 -9.16 4.00 -8.84
N PRO A 3 -8.00 3.44 -8.60
CA PRO A 3 -7.40 2.50 -9.57
C PRO A 3 -7.97 1.07 -9.42
N ARG A 4 -9.13 0.93 -8.83
CA ARG A 4 -9.75 -0.44 -8.65
C ARG A 4 -8.77 -1.39 -7.96
N ALA A 5 -7.93 -0.88 -7.09
CA ALA A 5 -6.93 -1.75 -6.38
C ALA A 5 -6.42 -1.05 -5.13
N MET A 6 -5.58 -1.71 -4.37
CA MET A 6 -5.03 -1.08 -3.12
C MET A 6 -3.71 -0.37 -3.42
N PRO A 7 -3.71 0.93 -3.25
CA PRO A 7 -2.48 1.74 -3.52
C PRO A 7 -1.42 1.53 -2.43
N ILE A 8 -0.28 2.14 -2.60
CA ILE A 8 0.83 1.98 -1.61
C ILE A 8 0.55 2.78 -0.32
N TRP A 9 -0.14 3.88 -0.45
CA TRP A 9 -0.44 4.72 0.76
C TRP A 9 -1.75 4.28 1.43
N ALA A 10 -2.49 3.39 0.83
CA ALA A 10 -3.76 2.92 1.46
C ALA A 10 -3.72 1.40 1.64
N ARG A 11 -2.92 0.93 2.58
CA ARG A 11 -2.82 -0.54 2.81
C ARG A 11 -3.02 -0.84 4.31
N PRO A 12 -3.14 -2.12 4.62
CA PRO A 12 -3.32 -2.53 6.04
C PRO A 12 -2.04 -2.24 6.83
N ASP A 13 -0.90 -2.44 6.22
CA ASP A 13 0.39 -2.16 6.90
C ASP A 13 0.99 -0.86 6.34
N TYR A 14 0.15 0.12 6.07
CA TYR A 14 0.61 1.42 5.51
C TYR A 14 1.90 1.91 6.23
N ASN A 15 2.92 2.18 5.45
CA ASN A 15 4.21 2.66 6.05
C ASN A 15 4.02 4.04 6.70
N PRO A 16 5.00 4.45 7.47
CA PRO A 16 4.93 5.77 8.16
C PRO A 16 5.05 6.91 7.13
N PRO A 17 4.16 7.87 7.26
CA PRO A 17 4.16 9.04 6.33
C PRO A 17 5.33 9.98 6.63
N LEU A 18 5.32 11.17 6.05
CA LEU A 18 6.42 12.17 6.27
C LEU A 18 7.77 11.55 5.90
N LEU A 19 8.07 11.47 4.63
CA LEU A 19 9.38 10.88 4.19
C LEU A 19 9.87 11.55 2.90
N GLU A 20 9.69 12.84 2.78
CA GLU A 20 10.14 13.56 1.55
C GLU A 20 11.49 14.26 1.80
N LYS A 1 -12.68 -9.30 -15.07
CA LYS A 1 -13.03 -7.99 -15.68
C LYS A 1 -13.08 -6.90 -14.60
N PHE A 2 -12.60 -5.71 -14.91
CA PHE A 2 -12.60 -4.58 -13.92
C PHE A 2 -11.92 -5.02 -12.61
N PRO A 3 -10.62 -5.15 -12.68
CA PRO A 3 -9.84 -5.57 -11.48
C PRO A 3 -9.78 -4.44 -10.45
N ARG A 4 -9.54 -4.76 -9.20
CA ARG A 4 -9.47 -3.71 -8.14
C ARG A 4 -8.03 -3.21 -7.98
N ALA A 5 -7.80 -1.94 -8.19
CA ALA A 5 -6.41 -1.39 -8.05
C ALA A 5 -6.20 -0.83 -6.64
N MET A 6 -5.19 -1.31 -5.95
CA MET A 6 -4.92 -0.80 -4.56
C MET A 6 -3.55 -0.09 -4.53
N PRO A 7 -3.57 1.16 -4.12
CA PRO A 7 -2.33 1.96 -4.04
C PRO A 7 -1.44 1.48 -2.88
N ILE A 8 -0.37 2.19 -2.62
CA ILE A 8 0.55 1.79 -1.51
C ILE A 8 0.18 2.52 -0.21
N TRP A 9 -0.11 3.79 -0.31
CA TRP A 9 -0.47 4.59 0.92
C TRP A 9 -1.75 4.05 1.57
N ALA A 10 -2.59 3.36 0.84
CA ALA A 10 -3.84 2.82 1.45
C ALA A 10 -3.67 1.34 1.80
N ARG A 11 -2.86 1.04 2.79
CA ARG A 11 -2.64 -0.38 3.20
C ARG A 11 -2.65 -0.48 4.74
N PRO A 12 -2.72 -1.71 5.22
CA PRO A 12 -2.73 -1.95 6.68
C PRO A 12 -1.34 -1.73 7.31
N ASP A 13 -0.36 -2.51 6.91
CA ASP A 13 1.01 -2.36 7.50
C ASP A 13 2.07 -2.17 6.39
N TYR A 14 1.76 -1.42 5.37
CA TYR A 14 2.74 -1.20 4.26
C TYR A 14 3.89 -0.28 4.72
N ASN A 15 4.88 -0.11 3.88
CA ASN A 15 6.05 0.76 4.24
C ASN A 15 5.62 2.22 4.48
N PRO A 16 6.31 2.89 5.38
CA PRO A 16 5.99 4.30 5.70
C PRO A 16 6.36 5.22 4.52
N PRO A 17 5.37 5.84 3.94
CA PRO A 17 5.59 6.75 2.79
C PRO A 17 6.14 8.10 3.27
N LEU A 18 6.22 9.06 2.37
CA LEU A 18 6.74 10.42 2.74
C LEU A 18 8.13 10.31 3.39
N LEU A 19 9.06 9.67 2.72
CA LEU A 19 10.43 9.53 3.28
C LEU A 19 11.45 10.31 2.43
N GLU A 20 11.81 11.49 2.87
CA GLU A 20 12.79 12.32 2.09
C GLU A 20 13.73 13.08 3.05
N LYS A 1 -10.67 -16.22 -0.91
CA LYS A 1 -9.31 -15.61 -1.03
C LYS A 1 -9.11 -15.04 -2.45
N PHE A 2 -9.28 -13.76 -2.62
CA PHE A 2 -9.10 -13.15 -3.98
C PHE A 2 -8.34 -11.83 -3.86
N PRO A 3 -7.15 -11.79 -4.44
CA PRO A 3 -6.31 -10.56 -4.40
C PRO A 3 -6.88 -9.49 -5.35
N ARG A 4 -6.68 -8.24 -5.03
CA ARG A 4 -7.20 -7.14 -5.92
C ARG A 4 -6.18 -5.99 -5.99
N ALA A 5 -6.31 -5.15 -6.98
CA ALA A 5 -5.35 -4.00 -7.13
C ALA A 5 -5.49 -3.02 -5.96
N MET A 6 -4.40 -2.65 -5.34
CA MET A 6 -4.47 -1.70 -4.19
C MET A 6 -3.35 -0.66 -4.27
N PRO A 7 -3.58 0.47 -3.64
CA PRO A 7 -2.57 1.56 -3.65
C PRO A 7 -1.42 1.25 -2.67
N ILE A 8 -0.53 2.20 -2.48
CA ILE A 8 0.62 1.98 -1.54
C ILE A 8 0.37 2.70 -0.20
N TRP A 9 -0.06 3.93 -0.27
CA TRP A 9 -0.33 4.71 0.99
C TRP A 9 -1.59 4.18 1.69
N ALA A 10 -2.54 3.67 0.96
CA ALA A 10 -3.78 3.13 1.59
C ALA A 10 -3.70 1.61 1.65
N ARG A 11 -2.87 1.08 2.51
CA ARG A 11 -2.73 -0.40 2.61
C ARG A 11 -2.83 -0.86 4.07
N PRO A 12 -3.58 -1.90 4.29
CA PRO A 12 -3.74 -2.45 5.66
C PRO A 12 -2.46 -3.16 6.12
N ASP A 13 -1.84 -3.91 5.23
CA ASP A 13 -0.58 -4.62 5.59
C ASP A 13 0.61 -3.97 4.86
N TYR A 14 0.60 -2.66 4.73
CA TYR A 14 1.69 -1.95 4.01
C TYR A 14 3.03 -2.14 4.74
N ASN A 15 4.06 -2.47 4.01
CA ASN A 15 5.40 -2.66 4.64
C ASN A 15 6.02 -1.29 4.96
N PRO A 16 6.94 -1.28 5.89
CA PRO A 16 7.61 -0.01 6.29
C PRO A 16 8.60 0.44 5.20
N PRO A 17 8.26 1.55 4.56
CA PRO A 17 9.13 2.10 3.48
C PRO A 17 10.37 2.78 4.08
N LEU A 18 11.18 3.38 3.23
CA LEU A 18 12.40 4.09 3.73
C LEU A 18 12.21 5.61 3.68
N LEU A 19 11.00 6.07 3.84
CA LEU A 19 10.73 7.54 3.81
C LEU A 19 10.52 8.07 5.23
N GLU A 20 11.53 8.02 6.06
CA GLU A 20 11.40 8.51 7.47
C GLU A 20 12.66 9.25 7.92
N LYS A 1 -16.99 1.77 -7.39
CA LYS A 1 -15.72 1.90 -8.16
C LYS A 1 -14.53 1.51 -7.29
N PHE A 2 -13.67 0.65 -7.80
CA PHE A 2 -12.48 0.22 -7.01
C PHE A 2 -11.26 0.07 -7.94
N PRO A 3 -10.15 0.62 -7.51
CA PRO A 3 -8.90 0.54 -8.31
C PRO A 3 -8.27 -0.86 -8.19
N ARG A 4 -7.10 -1.04 -8.75
CA ARG A 4 -6.42 -2.38 -8.66
C ARG A 4 -5.96 -2.62 -7.23
N ALA A 5 -6.79 -3.29 -6.44
CA ALA A 5 -6.42 -3.58 -5.01
C ALA A 5 -6.12 -2.26 -4.26
N MET A 6 -5.36 -2.34 -3.19
CA MET A 6 -5.04 -1.09 -2.42
C MET A 6 -3.74 -0.47 -2.97
N PRO A 7 -3.68 0.85 -2.89
CA PRO A 7 -2.48 1.59 -3.38
C PRO A 7 -1.30 1.44 -2.41
N ILE A 8 -0.24 2.17 -2.63
CA ILE A 8 0.95 2.09 -1.72
C ILE A 8 0.77 2.99 -0.49
N TRP A 9 -0.22 3.84 -0.50
CA TRP A 9 -0.45 4.75 0.67
C TRP A 9 -1.72 4.35 1.44
N ALA A 10 -2.50 3.44 0.91
CA ALA A 10 -3.75 3.01 1.62
C ALA A 10 -3.82 1.48 1.70
N ARG A 11 -3.00 0.88 2.52
CA ARG A 11 -3.01 -0.61 2.66
C ARG A 11 -3.14 -1.01 4.13
N PRO A 12 -3.51 -2.25 4.36
CA PRO A 12 -3.68 -2.75 5.74
C PRO A 12 -2.33 -2.94 6.46
N ASP A 13 -1.59 -3.97 6.12
CA ASP A 13 -0.28 -4.21 6.80
C ASP A 13 0.87 -4.28 5.79
N TYR A 14 0.86 -3.44 4.78
CA TYR A 14 1.97 -3.46 3.77
C TYR A 14 3.26 -2.89 4.36
N ASN A 15 4.33 -2.92 3.62
CA ASN A 15 5.65 -2.38 4.12
C ASN A 15 5.50 -0.92 4.57
N PRO A 16 6.49 -0.44 5.28
CA PRO A 16 6.48 0.96 5.76
C PRO A 16 6.68 1.94 4.59
N PRO A 17 5.90 3.00 4.59
CA PRO A 17 6.01 4.03 3.52
C PRO A 17 7.29 4.87 3.67
N LEU A 18 7.39 5.94 2.92
CA LEU A 18 8.60 6.82 3.00
C LEU A 18 9.87 6.03 2.67
N LEU A 19 10.14 5.82 1.41
CA LEU A 19 11.37 5.05 1.01
C LEU A 19 11.94 5.59 -0.32
N GLU A 20 12.30 6.85 -0.35
CA GLU A 20 12.87 7.44 -1.60
C GLU A 20 14.37 7.15 -1.69
N LYS A 1 -7.84 2.13 -18.45
CA LYS A 1 -8.94 2.94 -17.85
C LYS A 1 -8.87 2.89 -16.32
N PHE A 2 -9.45 3.86 -15.65
CA PHE A 2 -9.44 3.91 -14.15
C PHE A 2 -8.01 4.07 -13.61
N PRO A 3 -7.93 4.61 -12.41
CA PRO A 3 -6.60 4.82 -11.77
C PRO A 3 -6.02 3.49 -11.24
N ARG A 4 -4.84 3.55 -10.67
CA ARG A 4 -4.23 2.29 -10.13
C ARG A 4 -4.89 1.89 -8.80
N ALA A 5 -5.77 0.92 -8.84
CA ALA A 5 -6.47 0.48 -7.59
C ALA A 5 -5.49 -0.17 -6.62
N MET A 6 -5.88 -0.30 -5.37
CA MET A 6 -4.98 -0.92 -4.34
C MET A 6 -3.61 -0.23 -4.32
N PRO A 7 -3.61 1.04 -3.99
CA PRO A 7 -2.35 1.82 -3.93
C PRO A 7 -1.50 1.41 -2.72
N ILE A 8 -0.39 2.07 -2.51
CA ILE A 8 0.49 1.72 -1.34
C ILE A 8 0.16 2.59 -0.13
N TRP A 9 -0.13 3.85 -0.34
CA TRP A 9 -0.46 4.75 0.81
C TRP A 9 -1.72 4.26 1.54
N ALA A 10 -2.53 3.47 0.89
CA ALA A 10 -3.77 2.94 1.55
C ALA A 10 -3.64 1.43 1.76
N ARG A 11 -2.79 1.02 2.68
CA ARG A 11 -2.61 -0.43 2.94
C ARG A 11 -2.72 -0.72 4.43
N PRO A 12 -2.98 -1.97 4.75
CA PRO A 12 -3.08 -2.40 6.18
C PRO A 12 -1.71 -2.31 6.84
N ASP A 13 -0.67 -2.62 6.09
CA ASP A 13 0.71 -2.54 6.62
C ASP A 13 1.50 -1.47 5.83
N TYR A 14 0.83 -0.39 5.46
CA TYR A 14 1.50 0.69 4.69
C TYR A 14 2.72 1.24 5.44
N ASN A 15 3.76 1.57 4.71
CA ASN A 15 5.01 2.10 5.35
C ASN A 15 4.68 3.34 6.19
N PRO A 16 5.42 3.50 7.27
CA PRO A 16 5.19 4.66 8.18
C PRO A 16 5.70 5.96 7.53
N PRO A 17 4.77 6.84 7.22
CA PRO A 17 5.12 8.14 6.59
C PRO A 17 5.75 9.09 7.62
N LEU A 18 6.01 10.31 7.22
CA LEU A 18 6.63 11.30 8.17
C LEU A 18 5.61 11.72 9.25
N LEU A 19 6.10 12.28 10.33
CA LEU A 19 5.17 12.71 11.42
C LEU A 19 5.13 14.25 11.51
N GLU A 20 5.30 14.94 10.41
CA GLU A 20 5.27 16.44 10.43
C GLU A 20 4.55 16.98 9.19
N LYS A 1 -17.85 -7.95 -5.35
CA LYS A 1 -17.68 -6.48 -5.60
C LYS A 1 -16.58 -5.91 -4.70
N PHE A 2 -15.70 -5.13 -5.24
CA PHE A 2 -14.60 -4.54 -4.41
C PHE A 2 -14.48 -3.02 -4.69
N PRO A 3 -15.06 -2.24 -3.81
CA PRO A 3 -15.02 -0.76 -3.98
C PRO A 3 -13.62 -0.24 -3.67
N ARG A 4 -13.05 0.53 -4.58
CA ARG A 4 -11.67 1.10 -4.37
C ARG A 4 -10.62 -0.03 -4.34
N ALA A 5 -9.37 0.33 -4.47
CA ALA A 5 -8.27 -0.70 -4.45
C ALA A 5 -7.33 -0.45 -3.29
N MET A 6 -6.25 -1.18 -3.20
CA MET A 6 -5.28 -0.97 -2.08
C MET A 6 -3.93 -0.49 -2.62
N PRO A 7 -3.81 0.81 -2.76
CA PRO A 7 -2.55 1.42 -3.28
C PRO A 7 -1.46 1.39 -2.20
N ILE A 8 -0.34 2.00 -2.46
CA ILE A 8 0.77 2.00 -1.46
C ILE A 8 0.38 2.81 -0.21
N TRP A 9 -0.02 4.03 -0.40
CA TRP A 9 -0.41 4.89 0.76
C TRP A 9 -1.66 4.34 1.48
N ALA A 10 -2.49 3.62 0.78
CA ALA A 10 -3.72 3.04 1.43
C ALA A 10 -3.64 1.51 1.43
N ARG A 11 -2.87 0.94 2.32
CA ARG A 11 -2.74 -0.55 2.38
C ARG A 11 -3.02 -1.03 3.81
N PRO A 12 -3.36 -2.30 3.92
CA PRO A 12 -3.66 -2.90 5.25
C PRO A 12 -2.38 -3.10 6.09
N ASP A 13 -1.51 -3.98 5.70
CA ASP A 13 -0.26 -4.23 6.48
C ASP A 13 1.00 -4.12 5.60
N TYR A 14 1.02 -3.18 4.69
CA TYR A 14 2.22 -3.04 3.80
C TYR A 14 3.35 -2.30 4.54
N ASN A 15 4.47 -2.12 3.88
CA ASN A 15 5.63 -1.43 4.52
C ASN A 15 5.21 -0.06 5.09
N PRO A 16 6.05 0.50 5.92
CA PRO A 16 5.75 1.82 6.54
C PRO A 16 5.75 2.93 5.47
N PRO A 17 4.81 3.83 5.59
CA PRO A 17 4.70 4.95 4.61
C PRO A 17 5.86 5.92 4.78
N LEU A 18 6.06 6.77 3.80
CA LEU A 18 7.18 7.77 3.85
C LEU A 18 8.52 7.07 4.16
N LEU A 19 8.68 5.84 3.73
CA LEU A 19 9.94 5.09 4.00
C LEU A 19 10.00 3.82 3.14
N GLU A 20 10.59 3.90 1.97
CA GLU A 20 10.70 2.71 1.06
C GLU A 20 9.29 2.13 0.77
N LYS A 1 -15.08 -2.16 6.72
CA LYS A 1 -15.69 -3.40 6.17
C LYS A 1 -15.13 -3.71 4.78
N PHE A 2 -15.24 -2.78 3.85
CA PHE A 2 -14.71 -3.01 2.48
C PHE A 2 -13.64 -1.97 2.14
N PRO A 3 -12.42 -2.43 2.00
CA PRO A 3 -11.29 -1.50 1.67
C PRO A 3 -11.37 -1.04 0.21
N ARG A 4 -10.89 0.14 -0.07
CA ARG A 4 -10.93 0.65 -1.47
C ARG A 4 -9.62 0.33 -2.20
N ALA A 5 -9.62 -0.72 -3.00
CA ALA A 5 -8.38 -1.12 -3.75
C ALA A 5 -7.21 -1.35 -2.78
N MET A 6 -6.00 -1.26 -3.26
CA MET A 6 -4.82 -1.48 -2.36
C MET A 6 -3.59 -0.72 -2.89
N PRO A 7 -3.65 0.59 -2.80
CA PRO A 7 -2.53 1.44 -3.26
C PRO A 7 -1.32 1.33 -2.32
N ILE A 8 -0.31 2.14 -2.55
CA ILE A 8 0.91 2.08 -1.67
C ILE A 8 0.76 3.02 -0.46
N TRP A 9 -0.22 3.88 -0.47
CA TRP A 9 -0.42 4.80 0.69
C TRP A 9 -1.62 4.36 1.53
N ALA A 10 -2.54 3.62 0.94
CA ALA A 10 -3.73 3.13 1.71
C ALA A 10 -3.80 1.61 1.66
N ARG A 11 -2.96 0.94 2.42
CA ARG A 11 -2.97 -0.55 2.40
C ARG A 11 -3.13 -1.13 3.81
N PRO A 12 -4.21 -1.86 4.00
CA PRO A 12 -4.49 -2.48 5.34
C PRO A 12 -3.58 -3.70 5.55
N ASP A 13 -3.37 -4.46 4.50
CA ASP A 13 -2.48 -5.67 4.61
C ASP A 13 -1.16 -5.41 3.88
N TYR A 14 -0.57 -4.26 4.08
CA TYR A 14 0.72 -3.90 3.41
C TYR A 14 1.65 -5.10 3.25
N ASN A 15 2.07 -5.37 2.05
CA ASN A 15 2.98 -6.53 1.81
C ASN A 15 4.35 -6.29 2.48
N PRO A 16 5.07 -7.36 2.71
CA PRO A 16 6.40 -7.26 3.36
C PRO A 16 7.43 -6.67 2.37
N PRO A 17 7.97 -5.53 2.73
CA PRO A 17 8.97 -4.86 1.87
C PRO A 17 10.31 -5.61 1.92
N LEU A 18 11.35 -5.04 1.34
CA LEU A 18 12.68 -5.72 1.35
C LEU A 18 12.56 -7.13 0.73
N LEU A 19 13.24 -8.10 1.28
CA LEU A 19 13.13 -9.49 0.71
C LEU A 19 11.88 -10.19 1.27
N GLU A 20 10.83 -10.23 0.50
CA GLU A 20 9.57 -10.89 0.97
C GLU A 20 9.65 -12.42 0.81
N LYS A 1 -8.75 -10.81 -14.47
CA LYS A 1 -9.13 -11.01 -13.04
C LYS A 1 -8.55 -9.89 -12.16
N PHE A 2 -8.46 -8.69 -12.68
CA PHE A 2 -7.90 -7.55 -11.88
C PHE A 2 -8.50 -6.22 -12.37
N PRO A 3 -9.77 -6.03 -12.10
CA PRO A 3 -10.47 -4.79 -12.53
C PRO A 3 -10.02 -3.58 -11.68
N ARG A 4 -9.47 -3.81 -10.52
CA ARG A 4 -9.01 -2.67 -9.66
C ARG A 4 -7.64 -2.97 -9.05
N ALA A 5 -6.91 -1.95 -8.67
CA ALA A 5 -5.56 -2.15 -8.06
C ALA A 5 -5.46 -1.38 -6.73
N MET A 6 -4.89 -2.00 -5.73
CA MET A 6 -4.76 -1.31 -4.40
C MET A 6 -3.47 -0.46 -4.39
N PRO A 7 -3.61 0.75 -3.88
CA PRO A 7 -2.44 1.66 -3.80
C PRO A 7 -1.51 1.27 -2.64
N ILE A 8 -0.49 2.06 -2.41
CA ILE A 8 0.47 1.75 -1.30
C ILE A 8 0.17 2.63 -0.08
N TRP A 9 -0.09 3.89 -0.29
CA TRP A 9 -0.40 4.80 0.85
C TRP A 9 -1.65 4.32 1.62
N ALA A 10 -2.54 3.62 0.94
CA ALA A 10 -3.75 3.09 1.62
C ALA A 10 -3.66 1.57 1.69
N ARG A 11 -2.78 1.06 2.52
CA ARG A 11 -2.61 -0.41 2.65
C ARG A 11 -2.66 -0.84 4.12
N PRO A 12 -2.81 -2.13 4.33
CA PRO A 12 -2.84 -2.68 5.70
C PRO A 12 -1.42 -2.69 6.29
N ASP A 13 -0.45 -2.96 5.47
CA ASP A 13 0.98 -2.99 5.94
C ASP A 13 1.80 -1.92 5.22
N TYR A 14 1.22 -0.75 5.02
CA TYR A 14 1.95 0.36 4.32
C TYR A 14 3.29 0.65 4.99
N ASN A 15 4.27 1.03 4.22
CA ASN A 15 5.62 1.34 4.77
C ASN A 15 5.54 2.56 5.71
N PRO A 16 6.61 2.80 6.44
CA PRO A 16 6.64 3.95 7.38
C PRO A 16 6.65 5.28 6.61
N PRO A 17 5.85 6.22 7.05
CA PRO A 17 5.78 7.55 6.39
C PRO A 17 7.05 8.36 6.64
N LEU A 18 7.06 9.60 6.20
CA LEU A 18 8.26 10.48 6.38
C LEU A 18 9.49 9.87 5.67
N LEU A 19 9.72 10.27 4.44
CA LEU A 19 10.88 9.74 3.63
C LEU A 19 11.05 8.22 3.80
N GLU A 20 9.95 7.49 3.83
CA GLU A 20 10.01 6.00 3.98
C GLU A 20 10.86 5.60 5.20
N LYS A 1 -11.71 6.41 2.88
CA LYS A 1 -12.65 5.98 1.78
C LYS A 1 -12.10 6.39 0.41
N PHE A 2 -12.66 5.85 -0.64
CA PHE A 2 -12.18 6.17 -2.03
C PHE A 2 -10.68 5.86 -2.18
N PRO A 3 -10.40 4.59 -2.39
CA PRO A 3 -8.98 4.14 -2.56
C PRO A 3 -8.46 4.52 -3.96
N ARG A 4 -7.34 3.98 -4.35
CA ARG A 4 -6.76 4.30 -5.70
C ARG A 4 -6.31 3.01 -6.40
N ALA A 5 -7.22 2.08 -6.58
CA ALA A 5 -6.88 0.78 -7.26
C ALA A 5 -5.72 0.08 -6.52
N MET A 6 -5.95 -0.32 -5.29
CA MET A 6 -4.89 -1.01 -4.49
C MET A 6 -3.56 -0.21 -4.52
N PRO A 7 -3.61 0.97 -3.96
CA PRO A 7 -2.40 1.84 -3.93
C PRO A 7 -1.43 1.40 -2.82
N ILE A 8 -0.42 2.19 -2.57
CA ILE A 8 0.58 1.84 -1.49
C ILE A 8 0.22 2.58 -0.21
N TRP A 9 -0.09 3.85 -0.31
CA TRP A 9 -0.44 4.67 0.90
C TRP A 9 -1.70 4.11 1.60
N ALA A 10 -2.58 3.47 0.86
CA ALA A 10 -3.80 2.91 1.50
C ALA A 10 -3.62 1.41 1.74
N ARG A 11 -2.83 1.05 2.73
CA ARG A 11 -2.61 -0.39 3.04
C ARG A 11 -2.82 -0.66 4.54
N PRO A 12 -3.03 -1.91 4.85
CA PRO A 12 -3.24 -2.32 6.27
C PRO A 12 -1.94 -2.19 7.05
N ASP A 13 -0.85 -2.60 6.46
CA ASP A 13 0.48 -2.50 7.14
C ASP A 13 1.39 -1.55 6.36
N TYR A 14 0.82 -0.47 5.87
CA TYR A 14 1.61 0.53 5.07
C TYR A 14 2.99 0.80 5.70
N ASN A 15 4.02 0.68 4.91
CA ASN A 15 5.41 0.92 5.42
C ASN A 15 5.61 2.41 5.72
N PRO A 16 6.59 2.70 6.55
CA PRO A 16 6.87 4.10 6.92
C PRO A 16 7.55 4.84 5.75
N PRO A 17 6.86 5.83 5.22
CA PRO A 17 7.40 6.63 4.08
C PRO A 17 8.49 7.59 4.55
N LEU A 18 8.89 8.51 3.72
CA LEU A 18 9.95 9.49 4.09
C LEU A 18 9.49 10.33 5.29
N LEU A 19 10.32 10.49 6.29
CA LEU A 19 9.94 11.30 7.49
C LEU A 19 10.62 12.67 7.44
N GLU A 20 9.87 13.71 7.19
CA GLU A 20 10.47 15.08 7.13
C GLU A 20 9.52 16.12 7.75
N LYS A 1 -14.86 -3.01 6.01
CA LYS A 1 -13.47 -2.98 6.58
C LYS A 1 -12.42 -3.02 5.46
N PHE A 2 -12.60 -3.88 4.49
CA PHE A 2 -11.61 -3.97 3.36
C PHE A 2 -11.99 -2.98 2.26
N PRO A 3 -11.11 -2.01 2.03
CA PRO A 3 -11.35 -0.99 0.99
C PRO A 3 -11.15 -1.58 -0.42
N ARG A 4 -11.59 -0.89 -1.44
CA ARG A 4 -11.41 -1.40 -2.84
C ARG A 4 -9.98 -1.12 -3.32
N ALA A 5 -9.39 -2.07 -4.03
CA ALA A 5 -7.99 -1.89 -4.54
C ALA A 5 -7.01 -1.69 -3.38
N MET A 6 -5.73 -1.62 -3.67
CA MET A 6 -4.73 -1.43 -2.59
C MET A 6 -3.52 -0.63 -3.11
N PRO A 7 -3.59 0.68 -2.95
CA PRO A 7 -2.48 1.55 -3.42
C PRO A 7 -1.27 1.42 -2.50
N ILE A 8 -0.26 2.24 -2.67
CA ILE A 8 0.94 2.14 -1.79
C ILE A 8 0.84 3.12 -0.63
N TRP A 9 -0.25 3.82 -0.50
CA TRP A 9 -0.43 4.79 0.63
C TRP A 9 -1.69 4.43 1.44
N ALA A 10 -2.44 3.43 1.02
CA ALA A 10 -3.67 3.03 1.76
C ALA A 10 -3.79 1.51 1.79
N ARG A 11 -3.02 0.85 2.63
CA ARG A 11 -3.09 -0.65 2.69
C ARG A 11 -3.35 -1.12 4.13
N PRO A 12 -4.52 -1.67 4.34
CA PRO A 12 -4.88 -2.21 5.68
C PRO A 12 -4.09 -3.50 5.96
N ASP A 13 -3.92 -4.30 4.95
CA ASP A 13 -3.17 -5.57 5.08
C ASP A 13 -1.83 -5.49 4.33
N TYR A 14 -1.12 -4.38 4.50
CA TYR A 14 0.20 -4.16 3.80
C TYR A 14 0.86 -5.46 3.34
N ASN A 15 1.14 -5.56 2.07
CA ASN A 15 1.79 -6.80 1.51
C ASN A 15 3.13 -7.06 2.23
N PRO A 16 3.42 -8.32 2.45
CA PRO A 16 4.68 -8.71 3.14
C PRO A 16 5.89 -8.45 2.24
N PRO A 17 6.73 -7.53 2.65
CA PRO A 17 7.94 -7.18 1.87
C PRO A 17 9.02 -8.26 2.01
N LEU A 18 10.20 -8.02 1.48
CA LEU A 18 11.32 -9.01 1.57
C LEU A 18 11.00 -10.28 0.77
N LEU A 19 12.01 -11.01 0.37
CA LEU A 19 11.77 -12.26 -0.41
C LEU A 19 12.61 -13.41 0.15
N GLU A 20 12.02 -14.55 0.36
CA GLU A 20 12.78 -15.71 0.92
C GLU A 20 13.36 -16.57 -0.22
N LYS A 1 -18.33 -6.98 -5.58
CA LYS A 1 -17.62 -8.01 -6.42
C LYS A 1 -16.32 -7.42 -6.97
N PHE A 2 -15.59 -8.19 -7.75
CA PHE A 2 -14.29 -7.72 -8.35
C PHE A 2 -13.23 -7.53 -7.26
N PRO A 3 -12.00 -7.87 -7.59
CA PRO A 3 -10.88 -7.73 -6.62
C PRO A 3 -10.54 -6.25 -6.42
N ARG A 4 -10.40 -5.83 -5.19
CA ARG A 4 -10.06 -4.40 -4.91
C ARG A 4 -8.54 -4.22 -4.81
N ALA A 5 -7.98 -3.39 -5.66
CA ALA A 5 -6.49 -3.17 -5.62
C ALA A 5 -6.15 -2.00 -4.68
N MET A 6 -5.34 -2.24 -3.69
CA MET A 6 -4.96 -1.15 -2.74
C MET A 6 -3.68 -0.45 -3.21
N PRO A 7 -3.66 0.86 -3.07
CA PRO A 7 -2.47 1.65 -3.48
C PRO A 7 -1.31 1.45 -2.51
N ILE A 8 -0.25 2.21 -2.64
CA ILE A 8 0.92 2.06 -1.73
C ILE A 8 0.76 2.94 -0.48
N TRP A 9 -0.23 3.80 -0.46
CA TRP A 9 -0.44 4.69 0.71
C TRP A 9 -1.72 4.29 1.48
N ALA A 10 -2.53 3.43 0.90
CA ALA A 10 -3.78 2.99 1.59
C ALA A 10 -3.81 1.46 1.71
N ARG A 11 -2.99 0.92 2.58
CA ARG A 11 -2.95 -0.56 2.76
C ARG A 11 -3.10 -0.94 4.24
N PRO A 12 -3.99 -1.87 4.51
CA PRO A 12 -4.20 -2.34 5.89
C PRO A 12 -3.01 -3.18 6.35
N ASP A 13 -2.48 -3.98 5.46
CA ASP A 13 -1.29 -4.84 5.79
C ASP A 13 -0.06 -4.27 5.09
N TYR A 14 0.10 -2.95 5.12
CA TYR A 14 1.26 -2.27 4.45
C TYR A 14 2.52 -3.14 4.45
N ASN A 15 3.05 -3.43 3.28
CA ASN A 15 4.28 -4.26 3.17
C ASN A 15 5.49 -3.48 3.71
N PRO A 16 6.50 -4.22 4.13
CA PRO A 16 7.73 -3.58 4.68
C PRO A 16 8.52 -2.91 3.54
N PRO A 17 8.66 -1.61 3.65
CA PRO A 17 9.41 -0.83 2.62
C PRO A 17 10.92 -1.04 2.78
N LEU A 18 11.71 -0.25 2.10
CA LEU A 18 13.20 -0.39 2.21
C LEU A 18 13.67 0.17 3.56
N LEU A 19 14.11 -0.68 4.46
CA LEU A 19 14.59 -0.24 5.81
C LEU A 19 13.42 0.30 6.65
N GLU A 20 13.60 0.37 7.94
CA GLU A 20 12.51 0.89 8.83
C GLU A 20 12.77 2.35 9.24
N LYS A 1 -1.18 5.89 -16.55
CA LYS A 1 -0.63 6.74 -15.45
C LYS A 1 -1.49 6.59 -14.18
N PHE A 2 -2.03 5.43 -13.94
CA PHE A 2 -2.87 5.22 -12.72
C PHE A 2 -2.73 3.77 -12.21
N PRO A 3 -2.62 3.63 -10.91
CA PRO A 3 -2.47 2.30 -10.30
C PRO A 3 -3.80 1.53 -10.34
N ARG A 4 -3.79 0.32 -10.83
CA ARG A 4 -5.05 -0.49 -10.91
C ARG A 4 -5.50 -0.96 -9.49
N ALA A 5 -6.02 -0.04 -8.71
CA ALA A 5 -6.48 -0.38 -7.32
C ALA A 5 -5.30 -0.81 -6.43
N MET A 6 -5.54 -1.03 -5.16
CA MET A 6 -4.45 -1.45 -4.23
C MET A 6 -3.28 -0.44 -4.29
N PRO A 7 -3.51 0.74 -3.75
CA PRO A 7 -2.45 1.79 -3.75
C PRO A 7 -1.33 1.43 -2.78
N ILE A 8 -0.34 2.27 -2.67
CA ILE A 8 0.80 1.99 -1.72
C ILE A 8 0.69 2.85 -0.46
N TRP A 9 -0.26 3.74 -0.41
CA TRP A 9 -0.44 4.61 0.79
C TRP A 9 -1.69 4.23 1.58
N ALA A 10 -2.56 3.43 1.00
CA ALA A 10 -3.80 3.01 1.72
C ALA A 10 -3.82 1.50 1.89
N ARG A 11 -2.96 0.97 2.74
CA ARG A 11 -2.91 -0.51 2.96
C ARG A 11 -2.98 -0.82 4.45
N PRO A 12 -3.26 -2.05 4.77
CA PRO A 12 -3.31 -2.49 6.19
C PRO A 12 -1.89 -2.48 6.77
N ASP A 13 -0.92 -2.84 5.97
CA ASP A 13 0.49 -2.83 6.42
C ASP A 13 1.24 -1.68 5.73
N TYR A 14 0.60 -0.54 5.61
CA TYR A 14 1.23 0.64 4.92
C TYR A 14 2.70 0.78 5.32
N ASN A 15 3.58 0.79 4.35
CA ASN A 15 5.04 0.92 4.64
C ASN A 15 5.33 2.24 5.36
N PRO A 16 6.38 2.24 6.15
CA PRO A 16 6.76 3.45 6.92
C PRO A 16 7.40 4.50 5.98
N PRO A 17 6.72 5.62 5.82
CA PRO A 17 7.23 6.70 4.94
C PRO A 17 8.41 7.44 5.60
N LEU A 18 8.90 8.47 4.96
CA LEU A 18 10.05 9.24 5.52
C LEU A 18 9.54 10.35 6.44
N LEU A 19 10.18 10.55 7.57
CA LEU A 19 9.73 11.61 8.52
C LEU A 19 10.92 12.11 9.36
N GLU A 20 11.47 13.25 9.00
CA GLU A 20 12.64 13.82 9.77
C GLU A 20 13.82 12.81 9.79
N LYS A 1 -20.56 -0.98 -2.45
CA LYS A 1 -19.34 -1.31 -1.69
C LYS A 1 -18.33 -2.06 -2.58
N PHE A 2 -17.35 -1.37 -3.10
CA PHE A 2 -16.35 -2.04 -4.00
C PHE A 2 -14.98 -1.33 -3.87
N PRO A 3 -13.95 -2.11 -3.71
CA PRO A 3 -12.57 -1.57 -3.59
C PRO A 3 -12.07 -1.04 -4.93
N ARG A 4 -11.10 -0.17 -4.92
CA ARG A 4 -10.56 0.39 -6.20
C ARG A 4 -9.05 0.13 -6.29
N ALA A 5 -8.66 -0.94 -6.94
CA ALA A 5 -7.21 -1.28 -7.10
C ALA A 5 -6.53 -1.40 -5.72
N MET A 6 -5.22 -1.42 -5.69
CA MET A 6 -4.49 -1.54 -4.39
C MET A 6 -3.32 -0.56 -4.35
N PRO A 7 -3.58 0.61 -3.81
CA PRO A 7 -2.53 1.65 -3.69
C PRO A 7 -1.49 1.29 -2.62
N ILE A 8 -0.52 2.13 -2.42
CA ILE A 8 0.53 1.85 -1.39
C ILE A 8 0.24 2.67 -0.13
N TRP A 9 -0.06 3.93 -0.30
CA TRP A 9 -0.37 4.81 0.88
C TRP A 9 -1.62 4.30 1.62
N ALA A 10 -2.50 3.61 0.93
CA ALA A 10 -3.73 3.08 1.59
C ALA A 10 -3.65 1.56 1.67
N ARG A 11 -2.81 1.04 2.53
CA ARG A 11 -2.67 -0.44 2.66
C ARG A 11 -2.80 -0.87 4.12
N PRO A 12 -3.76 -1.71 4.39
CA PRO A 12 -3.98 -2.21 5.78
C PRO A 12 -2.84 -3.17 6.18
N ASP A 13 -2.39 -3.97 5.25
CA ASP A 13 -1.28 -4.93 5.54
C ASP A 13 0.04 -4.44 4.93
N TYR A 14 0.31 -3.15 5.03
CA TYR A 14 1.58 -2.60 4.46
C TYR A 14 2.79 -3.29 5.08
N ASN A 15 3.65 -3.84 4.26
CA ASN A 15 4.87 -4.53 4.77
C ASN A 15 5.86 -3.52 5.37
N PRO A 16 6.71 -3.99 6.24
CA PRO A 16 7.72 -3.11 6.89
C PRO A 16 8.85 -2.77 5.89
N PRO A 17 8.94 -1.50 5.54
CA PRO A 17 9.98 -1.05 4.59
C PRO A 17 11.36 -1.00 5.26
N LEU A 18 12.37 -0.60 4.52
CA LEU A 18 13.74 -0.51 5.10
C LEU A 18 14.24 0.94 5.07
N LEU A 19 14.38 1.55 6.22
CA LEU A 19 14.86 2.97 6.29
C LEU A 19 13.89 3.91 5.55
N GLU A 20 14.22 5.17 5.47
CA GLU A 20 13.33 6.14 4.76
C GLU A 20 13.61 6.13 3.25
N LYS A 1 -7.59 -15.61 -3.57
CA LYS A 1 -7.31 -15.39 -2.11
C LYS A 1 -6.15 -14.40 -1.93
N PHE A 2 -6.13 -13.34 -2.70
CA PHE A 2 -5.02 -12.33 -2.57
C PHE A 2 -5.60 -10.91 -2.48
N PRO A 3 -6.02 -10.56 -1.28
CA PRO A 3 -6.59 -9.20 -1.05
C PRO A 3 -5.49 -8.13 -1.07
N ARG A 4 -5.00 -7.80 -2.24
CA ARG A 4 -3.93 -6.76 -2.35
C ARG A 4 -4.26 -5.76 -3.46
N ALA A 5 -5.53 -5.45 -3.65
CA ALA A 5 -5.92 -4.47 -4.71
C ALA A 5 -6.03 -3.06 -4.11
N MET A 6 -4.94 -2.52 -3.64
CA MET A 6 -4.96 -1.16 -3.03
C MET A 6 -3.65 -0.41 -3.38
N PRO A 7 -3.68 0.89 -3.23
CA PRO A 7 -2.48 1.71 -3.52
C PRO A 7 -1.42 1.49 -2.45
N ILE A 8 -0.29 2.14 -2.58
CA ILE A 8 0.80 1.95 -1.57
C ILE A 8 0.53 2.77 -0.30
N TRP A 9 -0.15 3.89 -0.46
CA TRP A 9 -0.45 4.76 0.73
C TRP A 9 -1.73 4.30 1.45
N ALA A 10 -2.50 3.44 0.85
CA ALA A 10 -3.76 2.97 1.51
C ALA A 10 -3.72 1.43 1.65
N ARG A 11 -2.93 0.94 2.56
CA ARG A 11 -2.83 -0.54 2.75
C ARG A 11 -2.98 -0.90 4.24
N PRO A 12 -3.20 -2.17 4.48
CA PRO A 12 -3.33 -2.68 5.88
C PRO A 12 -1.94 -2.71 6.55
N ASP A 13 -1.63 -3.70 7.36
CA ASP A 13 -0.29 -3.77 8.03
C ASP A 13 0.80 -4.23 7.05
N TYR A 14 0.80 -3.73 5.85
CA TYR A 14 1.83 -4.12 4.83
C TYR A 14 3.15 -3.36 5.09
N ASN A 15 4.12 -3.52 4.23
CA ASN A 15 5.45 -2.83 4.38
C ASN A 15 5.27 -1.35 4.79
N PRO A 16 6.29 -0.80 5.40
CA PRO A 16 6.24 0.62 5.84
C PRO A 16 6.21 1.56 4.63
N PRO A 17 5.12 2.30 4.50
CA PRO A 17 4.96 3.24 3.37
C PRO A 17 5.87 4.46 3.54
N LEU A 18 5.84 5.36 2.58
CA LEU A 18 6.68 6.60 2.65
C LEU A 18 8.17 6.25 2.89
N LEU A 19 8.61 5.10 2.45
CA LEU A 19 10.03 4.68 2.66
C LEU A 19 10.44 4.83 4.15
N GLU A 20 9.51 4.65 5.05
CA GLU A 20 9.82 4.78 6.51
C GLU A 20 8.92 3.85 7.33
N LYS A 1 -19.87 -0.03 -6.75
CA LYS A 1 -20.29 -1.35 -6.19
C LYS A 1 -19.13 -1.99 -5.40
N PHE A 2 -18.73 -1.35 -4.32
CA PHE A 2 -17.60 -1.89 -3.48
C PHE A 2 -16.37 -2.22 -4.34
N PRO A 3 -15.74 -1.17 -4.85
CA PRO A 3 -14.53 -1.36 -5.70
C PRO A 3 -13.32 -1.77 -4.84
N ARG A 4 -12.39 -2.49 -5.43
CA ARG A 4 -11.19 -2.93 -4.65
C ARG A 4 -10.01 -1.98 -4.90
N ALA A 5 -9.62 -1.22 -3.90
CA ALA A 5 -8.48 -0.28 -4.06
C ALA A 5 -7.35 -0.63 -3.09
N MET A 6 -6.14 -0.77 -3.59
CA MET A 6 -5.00 -1.12 -2.69
C MET A 6 -3.71 -0.44 -3.20
N PRO A 7 -3.66 0.87 -3.04
CA PRO A 7 -2.47 1.64 -3.48
C PRO A 7 -1.31 1.44 -2.49
N ILE A 8 -0.25 2.20 -2.63
CA ILE A 8 0.91 2.03 -1.70
C ILE A 8 0.76 2.96 -0.47
N TRP A 9 -0.24 3.80 -0.47
CA TRP A 9 -0.46 4.71 0.68
C TRP A 9 -1.72 4.31 1.46
N ALA A 10 -2.52 3.43 0.91
CA ALA A 10 -3.77 3.00 1.63
C ALA A 10 -3.80 1.47 1.72
N ARG A 11 -2.97 0.90 2.57
CA ARG A 11 -2.95 -0.58 2.73
C ARG A 11 -3.10 -0.95 4.20
N PRO A 12 -3.91 -1.95 4.45
CA PRO A 12 -4.12 -2.43 5.85
C PRO A 12 -2.86 -3.13 6.36
N ASP A 13 -2.20 -3.86 5.51
CA ASP A 13 -0.95 -4.58 5.91
C ASP A 13 0.25 -3.98 5.17
N TYR A 14 0.28 -2.67 5.03
CA TYR A 14 1.41 -1.99 4.32
C TYR A 14 2.76 -2.53 4.79
N ASN A 15 3.58 -2.97 3.86
CA ASN A 15 4.92 -3.51 4.22
C ASN A 15 5.87 -2.37 4.59
N PRO A 16 6.89 -2.70 5.33
CA PRO A 16 7.89 -1.69 5.76
C PRO A 16 8.76 -1.26 4.56
N PRO A 17 8.65 -0.01 4.19
CA PRO A 17 9.43 0.53 3.05
C PRO A 17 10.91 0.68 3.41
N LEU A 18 11.70 1.16 2.49
CA LEU A 18 13.16 1.34 2.76
C LEU A 18 13.71 2.57 2.01
N LEU A 19 14.97 2.86 2.15
CA LEU A 19 15.57 4.04 1.46
C LEU A 19 17.03 3.75 1.09
N GLU A 20 17.42 4.07 -0.13
CA GLU A 20 18.83 3.81 -0.55
C GLU A 20 19.40 5.03 -1.30
N LYS A 1 -0.75 -10.13 -13.24
CA LYS A 1 -1.18 -8.80 -13.75
C LYS A 1 -2.51 -8.38 -13.10
N PHE A 2 -2.49 -7.35 -12.30
CA PHE A 2 -3.75 -6.89 -11.63
C PHE A 2 -3.96 -5.39 -11.87
N PRO A 3 -4.91 -5.07 -12.72
CA PRO A 3 -5.20 -3.66 -13.04
C PRO A 3 -5.96 -3.00 -11.88
N ARG A 4 -5.75 -1.72 -11.67
CA ARG A 4 -6.45 -0.99 -10.55
C ARG A 4 -6.32 -1.76 -9.23
N ALA A 5 -5.10 -2.07 -8.83
CA ALA A 5 -4.90 -2.82 -7.55
C ALA A 5 -4.84 -1.85 -6.36
N MET A 6 -4.61 -2.35 -5.18
CA MET A 6 -4.53 -1.46 -3.98
C MET A 6 -3.34 -0.50 -4.10
N PRO A 7 -3.53 0.70 -3.63
CA PRO A 7 -2.46 1.73 -3.69
C PRO A 7 -1.33 1.41 -2.69
N ILE A 8 -0.32 2.23 -2.64
CA ILE A 8 0.81 1.99 -1.69
C ILE A 8 0.69 2.89 -0.46
N TRP A 9 -0.27 3.78 -0.43
CA TRP A 9 -0.44 4.68 0.74
C TRP A 9 -1.69 4.30 1.56
N ALA A 10 -2.54 3.46 1.01
CA ALA A 10 -3.76 3.05 1.77
C ALA A 10 -3.81 1.52 1.88
N ARG A 11 -2.96 0.94 2.69
CA ARG A 11 -2.95 -0.54 2.86
C ARG A 11 -3.02 -0.90 4.35
N PRO A 12 -4.06 -1.63 4.71
CA PRO A 12 -4.24 -2.05 6.13
C PRO A 12 -3.20 -3.12 6.50
N ASP A 13 -2.95 -4.03 5.59
CA ASP A 13 -1.93 -5.11 5.85
C ASP A 13 -0.64 -4.78 5.08
N TYR A 14 -0.23 -3.53 5.11
CA TYR A 14 1.01 -3.10 4.39
C TYR A 14 2.14 -4.12 4.55
N ASN A 15 2.75 -4.50 3.45
CA ASN A 15 3.87 -5.48 3.49
C ASN A 15 5.10 -4.86 4.17
N PRO A 16 5.94 -5.71 4.71
CA PRO A 16 7.18 -5.23 5.38
C PRO A 16 8.19 -4.72 4.35
N PRO A 17 8.47 -3.44 4.41
CA PRO A 17 9.43 -2.83 3.46
C PRO A 17 10.88 -3.22 3.80
N LEU A 18 11.84 -2.64 3.13
CA LEU A 18 13.28 -2.96 3.42
C LEU A 18 14.19 -1.80 3.01
N LEU A 19 15.47 -1.93 3.25
CA LEU A 19 16.44 -0.84 2.89
C LEU A 19 16.09 0.46 3.62
N GLU A 20 16.45 0.55 4.88
CA GLU A 20 16.15 1.79 5.67
C GLU A 20 17.33 2.77 5.61
N LYS A 1 -1.36 5.66 -15.64
CA LYS A 1 -1.59 5.46 -14.18
C LYS A 1 -2.96 4.82 -13.95
N PHE A 2 -2.98 3.55 -13.61
CA PHE A 2 -4.29 2.86 -13.37
C PHE A 2 -4.23 2.07 -12.04
N PRO A 3 -4.68 2.71 -10.99
CA PRO A 3 -4.69 2.07 -9.65
C PRO A 3 -5.79 1.01 -9.57
N ARG A 4 -5.49 -0.13 -9.00
CA ARG A 4 -6.50 -1.21 -8.88
C ARG A 4 -6.76 -1.52 -7.40
N ALA A 5 -7.15 -0.51 -6.63
CA ALA A 5 -7.42 -0.70 -5.16
C ALA A 5 -6.13 -1.09 -4.42
N MET A 6 -6.15 -0.99 -3.11
CA MET A 6 -4.93 -1.35 -2.29
C MET A 6 -3.67 -0.64 -2.84
N PRO A 7 -3.67 0.67 -2.78
CA PRO A 7 -2.51 1.46 -3.26
C PRO A 7 -1.33 1.34 -2.30
N ILE A 8 -0.28 2.10 -2.53
CA ILE A 8 0.91 2.04 -1.61
C ILE A 8 0.76 3.04 -0.45
N TRP A 9 -0.23 3.90 -0.51
CA TRP A 9 -0.44 4.88 0.60
C TRP A 9 -1.69 4.51 1.43
N ALA A 10 -2.45 3.54 0.98
CA ALA A 10 -3.67 3.11 1.74
C ALA A 10 -3.80 1.58 1.67
N ARG A 11 -2.99 0.87 2.42
CA ARG A 11 -3.06 -0.62 2.40
C ARG A 11 -3.11 -1.19 3.82
N PRO A 12 -4.04 -2.09 4.03
CA PRO A 12 -4.20 -2.74 5.36
C PRO A 12 -3.11 -3.79 5.58
N ASP A 13 -2.74 -4.49 4.54
CA ASP A 13 -1.68 -5.55 4.63
C ASP A 13 -0.33 -4.99 4.15
N TYR A 14 -0.02 -3.76 4.48
CA TYR A 14 1.28 -3.15 4.04
C TYR A 14 2.46 -4.09 4.33
N ASN A 15 3.22 -4.41 3.32
CA ASN A 15 4.39 -5.32 3.51
C ASN A 15 5.42 -4.66 4.45
N PRO A 16 6.11 -5.49 5.20
CA PRO A 16 7.14 -4.97 6.15
C PRO A 16 8.37 -4.45 5.39
N PRO A 17 8.59 -3.16 5.50
CA PRO A 17 9.75 -2.53 4.81
C PRO A 17 11.07 -2.87 5.52
N LEU A 18 12.15 -2.25 5.11
CA LEU A 18 13.49 -2.53 5.73
C LEU A 18 13.84 -4.02 5.62
N LEU A 19 14.34 -4.43 4.47
CA LEU A 19 14.73 -5.87 4.24
C LEU A 19 13.50 -6.78 4.32
N GLU A 20 13.06 -7.11 5.52
CA GLU A 20 11.86 -8.01 5.66
C GLU A 20 10.99 -7.58 6.86
N LYS A 1 -0.81 -0.45 -12.85
CA LYS A 1 -0.37 0.64 -11.93
C LYS A 1 0.26 0.05 -10.65
N PHE A 2 -0.45 -0.82 -9.97
CA PHE A 2 0.11 -1.43 -8.72
C PHE A 2 -0.10 -2.95 -8.74
N PRO A 3 0.95 -3.67 -8.48
CA PRO A 3 0.87 -5.17 -8.48
C PRO A 3 0.10 -5.66 -7.24
N ARG A 4 -0.56 -6.79 -7.37
CA ARG A 4 -1.35 -7.35 -6.22
C ARG A 4 -2.47 -6.40 -5.79
N ALA A 5 -2.87 -5.48 -6.65
CA ALA A 5 -3.97 -4.52 -6.31
C ALA A 5 -3.62 -3.67 -5.07
N MET A 6 -4.57 -2.88 -4.60
CA MET A 6 -4.36 -2.00 -3.40
C MET A 6 -3.32 -0.90 -3.71
N PRO A 7 -3.54 0.28 -3.16
CA PRO A 7 -2.61 1.41 -3.37
C PRO A 7 -1.34 1.23 -2.53
N ILE A 8 -0.50 2.23 -2.50
CA ILE A 8 0.76 2.12 -1.70
C ILE A 8 0.60 2.80 -0.33
N TRP A 9 -0.12 3.89 -0.28
CA TRP A 9 -0.32 4.61 1.01
C TRP A 9 -1.58 4.13 1.74
N ALA A 10 -2.59 3.75 1.00
CA ALA A 10 -3.84 3.25 1.66
C ALA A 10 -3.85 1.72 1.61
N ARG A 11 -2.95 1.11 2.33
CA ARG A 11 -2.88 -0.38 2.35
C ARG A 11 -2.80 -0.91 3.78
N PRO A 12 -3.48 -2.00 4.04
CA PRO A 12 -3.45 -2.62 5.38
C PRO A 12 -2.05 -3.22 5.65
N ASP A 13 -1.42 -3.73 4.63
CA ASP A 13 -0.06 -4.31 4.78
C ASP A 13 0.99 -3.30 4.25
N TYR A 14 0.81 -2.04 4.55
CA TYR A 14 1.76 -0.98 4.09
C TYR A 14 3.21 -1.33 4.49
N ASN A 15 4.14 -1.04 3.64
CA ASN A 15 5.58 -1.35 3.94
C ASN A 15 6.13 -0.31 4.94
N PRO A 16 7.13 -0.72 5.69
CA PRO A 16 7.74 0.19 6.69
C PRO A 16 8.62 1.24 5.98
N PRO A 17 8.18 2.49 6.05
CA PRO A 17 8.94 3.60 5.40
C PRO A 17 10.21 3.92 6.19
N LEU A 18 10.92 4.94 5.77
CA LEU A 18 12.18 5.33 6.48
C LEU A 18 11.88 6.44 7.50
N LEU A 19 12.91 7.04 8.07
CA LEU A 19 12.69 8.13 9.06
C LEU A 19 12.25 9.40 8.33
N GLU A 20 10.96 9.68 8.33
CA GLU A 20 10.43 10.90 7.63
C GLU A 20 10.77 10.86 6.13
N LYS A 1 -12.29 -0.66 -17.29
CA LYS A 1 -11.39 -1.49 -16.44
C LYS A 1 -11.16 -0.80 -15.09
N PHE A 2 -11.33 -1.53 -14.01
CA PHE A 2 -11.12 -0.92 -12.66
C PHE A 2 -10.41 -1.91 -11.73
N PRO A 3 -9.38 -1.45 -11.08
CA PRO A 3 -8.60 -2.31 -10.15
C PRO A 3 -9.38 -2.52 -8.84
N ARG A 4 -8.83 -3.30 -7.93
CA ARG A 4 -9.54 -3.54 -6.64
C ARG A 4 -8.96 -2.64 -5.54
N ALA A 5 -8.69 -1.39 -5.86
CA ALA A 5 -8.12 -0.43 -4.86
C ALA A 5 -6.88 -1.03 -4.17
N MET A 6 -5.76 -1.04 -4.85
CA MET A 6 -4.51 -1.61 -4.23
C MET A 6 -3.36 -0.59 -4.29
N PRO A 7 -3.57 0.57 -3.72
CA PRO A 7 -2.51 1.62 -3.70
C PRO A 7 -1.44 1.29 -2.67
N ILE A 8 -0.49 2.17 -2.48
CA ILE A 8 0.60 1.91 -1.47
C ILE A 8 0.34 2.72 -0.19
N TRP A 9 -0.10 3.94 -0.34
CA TRP A 9 -0.38 4.80 0.86
C TRP A 9 -1.61 4.29 1.63
N ALA A 10 -2.51 3.62 0.96
CA ALA A 10 -3.72 3.09 1.65
C ALA A 10 -3.67 1.56 1.71
N ARG A 11 -2.85 1.03 2.59
CA ARG A 11 -2.74 -0.46 2.68
C ARG A 11 -2.91 -0.92 4.14
N PRO A 12 -4.02 -1.58 4.40
CA PRO A 12 -4.29 -2.10 5.76
C PRO A 12 -3.39 -3.32 6.04
N ASP A 13 -3.19 -4.12 5.03
CA ASP A 13 -2.32 -5.32 5.17
C ASP A 13 -1.00 -5.10 4.40
N TYR A 14 -0.44 -3.92 4.50
CA TYR A 14 0.83 -3.58 3.78
C TYR A 14 1.83 -4.76 3.83
N ASN A 15 2.21 -5.25 2.69
CA ASN A 15 3.18 -6.39 2.64
C ASN A 15 4.59 -5.90 2.97
N PRO A 16 5.45 -6.83 3.32
CA PRO A 16 6.86 -6.49 3.66
C PRO A 16 7.63 -6.12 2.38
N PRO A 17 8.08 -4.88 2.31
CA PRO A 17 8.84 -4.41 1.13
C PRO A 17 10.27 -4.95 1.14
N LEU A 18 11.10 -4.46 0.25
CA LEU A 18 12.52 -4.94 0.21
C LEU A 18 13.29 -4.42 1.42
N LEU A 19 14.23 -5.20 1.92
CA LEU A 19 15.03 -4.74 3.11
C LEU A 19 16.51 -4.67 2.75
N GLU A 20 17.08 -3.49 2.80
CA GLU A 20 18.54 -3.35 2.47
C GLU A 20 19.38 -3.31 3.76
#